data_1YCD
#
_entry.id   1YCD
#
_cell.length_a   46.133
_cell.length_b   53.329
_cell.length_c   64.271
_cell.angle_alpha   102.85
_cell.angle_beta   90.04
_cell.angle_gamma   112.47
#
_symmetry.space_group_name_H-M   'P 1'
#
loop_
_entity.id
_entity.type
_entity.pdbx_description
1 polymer 'Hypothetical 27.3 kDa protein in AAP1-SMF2 intergenic region'
2 non-polymer '2-HYDROXY-4,5-DIOXOHEPTYL HYDROGEN PHOSPHONATE'
3 water water
#
_entity_poly.entity_id   1
_entity_poly.type   'polypeptide(L)'
_entity_poly.pdbx_seq_one_letter_code
;MTVQIPKLLFLHGFLQNGKVFSEKSSGIRKLLKKANVQCDYIDAPVLLEKKDLPFEMDDEKWQATLDADVNRAWFYHSEI
SHELDISEGLKSVVDHIKANGPYDGIVGLSQGAALSSIITNKISELVPDHPQFKVSVVISGYSFTEPDPEHPGELRITEK
FRDSFAVKPDMKTKMIFIYGASDQAVPSVRSKYLYDIYLKAQNGNKEKVLAYEHPGGHMVPNKKDIIRPIVEQITSSLQE
ASE
;
_entity_poly.pdbx_strand_id   A,B
#
# COMPACT_ATOMS: atom_id res chain seq x y z
N VAL A 3 -7.32 21.10 9.99
CA VAL A 3 -5.95 21.44 10.47
C VAL A 3 -5.44 20.32 11.39
N GLN A 4 -4.29 19.70 11.06
CA GLN A 4 -3.49 20.06 9.88
C GLN A 4 -4.27 19.82 8.58
N ILE A 5 -4.19 20.80 7.69
CA ILE A 5 -4.93 20.73 6.44
C ILE A 5 -4.16 19.84 5.46
N PRO A 6 -4.85 19.36 4.39
CA PRO A 6 -4.17 18.53 3.40
C PRO A 6 -2.99 19.29 2.81
N LYS A 7 -1.99 18.53 2.35
CA LYS A 7 -0.74 19.12 1.87
C LYS A 7 -0.38 18.53 0.52
N LEU A 8 -0.01 19.41 -0.42
CA LEU A 8 0.46 18.98 -1.73
C LEU A 8 1.91 19.42 -1.90
N LEU A 9 2.73 18.56 -2.53
CA LEU A 9 4.14 18.88 -2.82
C LEU A 9 4.27 19.24 -4.30
N PHE A 10 4.94 20.36 -4.57
CA PHE A 10 5.03 20.89 -5.93
C PHE A 10 6.46 20.76 -6.46
N LEU A 11 6.60 20.06 -7.59
CA LEU A 11 7.93 19.89 -8.21
C LEU A 11 8.07 20.68 -9.51
N HIS A 12 8.99 21.65 -9.54
CA HIS A 12 9.15 22.55 -10.70
C HIS A 12 9.76 21.91 -11.94
N GLY A 13 9.83 22.69 -13.03
CA GLY A 13 10.42 22.21 -14.28
C GLY A 13 11.89 22.58 -14.44
N PHE A 14 12.48 22.10 -15.53
CA PHE A 14 13.85 22.44 -15.93
C PHE A 14 14.03 23.97 -15.93
N LEU A 15 15.14 24.44 -15.37
CA LEU A 15 15.46 25.87 -15.35
C LEU A 15 14.49 26.76 -14.57
N GLN A 16 13.93 26.20 -13.50
CA GLN A 16 13.15 26.95 -12.55
C GLN A 16 13.65 26.66 -11.14
N ASN A 17 12.95 27.20 -10.16
CA ASN A 17 13.13 26.81 -8.76
C ASN A 17 11.76 26.85 -8.09
N GLY A 18 11.71 26.58 -6.78
CA GLY A 18 10.45 26.56 -6.04
C GLY A 18 9.74 27.89 -6.11
N LYS A 19 10.51 28.98 -5.94
CA LYS A 19 9.95 30.33 -5.95
C LYS A 19 9.29 30.65 -7.30
N VAL A 20 10.03 30.45 -8.40
CA VAL A 20 9.49 30.69 -9.74
C VAL A 20 8.26 29.79 -10.01
N PHE A 21 8.33 28.51 -9.64
CA PHE A 21 7.17 27.63 -9.84
C PHE A 21 5.95 28.13 -9.06
N SER A 22 6.16 28.64 -7.85
CA SER A 22 5.10 29.20 -7.01
C SER A 22 4.48 30.38 -7.75
N GLU A 23 5.33 31.24 -8.30
CA GLU A 23 4.87 32.40 -9.07
C GLU A 23 4.05 31.97 -10.29
N LYS A 24 4.58 31.02 -11.06
CA LYS A 24 3.87 30.48 -12.23
C LYS A 24 2.55 29.75 -11.93
N SER A 25 2.45 29.16 -10.74
CA SER A 25 1.23 28.44 -10.33
C SER A 25 0.35 29.24 -9.37
N SER A 26 0.57 30.57 -9.33
CA SER A 26 -0.15 31.42 -8.40
C SER A 26 -1.68 31.29 -8.47
N GLY A 27 -2.24 31.15 -9.67
CA GLY A 27 -3.69 31.01 -9.83
C GLY A 27 -4.26 29.76 -9.21
N ILE A 28 -3.65 28.61 -9.54
CA ILE A 28 -4.06 27.34 -8.95
C ILE A 28 -3.85 27.38 -7.43
N ARG A 29 -2.71 27.94 -7.00
CA ARG A 29 -2.42 27.99 -5.58
C ARG A 29 -3.45 28.84 -4.83
N LYS A 30 -3.85 29.97 -5.41
CA LYS A 30 -4.89 30.81 -4.80
C LYS A 30 -6.19 30.03 -4.54
N LEU A 31 -6.64 29.26 -5.54
CA LEU A 31 -7.84 28.46 -5.42
C LEU A 31 -7.69 27.37 -4.36
N LEU A 32 -6.52 26.72 -4.35
CA LEU A 32 -6.28 25.64 -3.36
C LEU A 32 -6.22 26.16 -1.92
N LYS A 33 -5.52 27.27 -1.72
CA LYS A 33 -5.43 27.91 -0.41
C LYS A 33 -6.82 28.34 0.08
N LYS A 34 -7.64 28.89 -0.81
CA LYS A 34 -9.04 29.20 -0.49
C LYS A 34 -9.81 27.94 -0.07
N ALA A 35 -9.47 26.80 -0.67
CA ALA A 35 -10.11 25.53 -0.35
C ALA A 35 -9.43 24.81 0.81
N ASN A 36 -8.55 25.54 1.50
CA ASN A 36 -7.82 25.06 2.69
C ASN A 36 -6.92 23.86 2.41
N VAL A 37 -6.16 24.01 1.33
CA VAL A 37 -5.11 23.08 0.94
C VAL A 37 -3.77 23.82 0.92
N GLN A 38 -2.78 23.19 1.56
CA GLN A 38 -1.44 23.72 1.69
C GLN A 38 -0.58 23.27 0.50
N CYS A 39 0.15 24.21 -0.08
CA CYS A 39 1.00 23.90 -1.24
C CYS A 39 2.45 24.19 -0.90
N ASP A 40 3.27 23.14 -0.88
CA ASP A 40 4.68 23.20 -0.51
C ASP A 40 5.56 23.17 -1.77
N TYR A 41 6.53 24.07 -1.84
CA TYR A 41 7.40 24.15 -3.00
C TYR A 41 8.83 23.85 -2.57
N ILE A 42 9.51 23.00 -3.34
CA ILE A 42 10.91 22.69 -3.07
C ILE A 42 11.78 22.90 -4.32
N ASP A 43 13.10 22.95 -4.11
CA ASP A 43 14.05 23.20 -5.20
C ASP A 43 14.71 21.89 -5.67
N ALA A 44 14.83 21.73 -6.98
CA ALA A 44 15.54 20.59 -7.58
C ALA A 44 17.06 20.69 -7.32
N PRO A 45 17.71 19.57 -7.03
CA PRO A 45 19.12 19.55 -6.59
C PRO A 45 20.23 19.64 -7.65
N VAL A 46 19.93 19.39 -8.93
CA VAL A 46 20.99 19.29 -9.94
C VAL A 46 21.27 20.72 -10.45
N LEU A 47 22.44 21.24 -10.09
CA LEU A 47 22.84 22.60 -10.49
C LEU A 47 23.54 22.55 -11.82
N LEU A 48 22.93 23.23 -12.79
CA LEU A 48 23.33 23.18 -14.19
C LEU A 48 24.45 24.18 -14.49
N GLU A 49 25.34 23.79 -15.39
CA GLU A 49 26.27 24.72 -16.02
C GLU A 49 25.72 25.05 -17.41
N LYS A 50 26.26 26.07 -18.04
CA LYS A 50 25.73 26.52 -19.31
C LYS A 50 25.72 25.41 -20.36
N LYS A 51 26.74 24.54 -20.32
CA LYS A 51 26.90 23.46 -21.28
C LYS A 51 25.80 22.39 -21.14
N ASP A 52 25.10 22.41 -20.01
CA ASP A 52 24.02 21.44 -19.75
C ASP A 52 22.68 21.86 -20.36
N LEU A 53 22.63 23.04 -20.96
CA LEU A 53 21.39 23.48 -21.63
C LEU A 53 21.25 22.84 -23.01
N PRO A 54 20.05 22.29 -23.32
CA PRO A 54 19.75 21.73 -24.64
C PRO A 54 19.21 22.76 -25.66
N PHE A 55 19.31 24.04 -25.31
CA PHE A 55 18.88 25.13 -26.19
C PHE A 55 19.85 26.31 -26.06
N GLU A 56 19.87 27.18 -27.07
CA GLU A 56 20.72 28.37 -27.06
C GLU A 56 20.34 29.39 -26.00
N MET A 57 21.38 30.00 -25.42
CA MET A 57 21.25 31.10 -24.47
C MET A 57 22.55 31.89 -24.47
N ASP A 58 22.45 33.21 -24.41
CA ASP A 58 23.65 34.04 -24.39
C ASP A 58 24.23 34.15 -22.98
N ASP A 59 25.44 34.68 -22.87
CA ASP A 59 26.13 34.80 -21.59
C ASP A 59 25.37 35.66 -20.57
N GLU A 60 24.73 36.71 -21.06
CA GLU A 60 24.00 37.66 -20.23
C GLU A 60 22.78 37.00 -19.58
N LYS A 61 22.02 36.30 -20.41
CA LYS A 61 20.83 35.55 -19.95
C LYS A 61 21.22 34.40 -19.02
N TRP A 62 22.39 33.81 -19.26
CA TRP A 62 22.91 32.78 -18.36
C TRP A 62 23.26 33.33 -16.98
N GLN A 63 23.94 34.48 -16.94
CA GLN A 63 24.18 35.17 -15.67
C GLN A 63 22.87 35.47 -14.92
N ALA A 64 21.87 35.94 -15.65
CA ALA A 64 20.53 36.20 -15.13
C ALA A 64 19.93 34.93 -14.53
N THR A 65 20.15 33.82 -15.22
CA THR A 65 19.70 32.50 -14.73
C THR A 65 20.38 32.16 -13.39
N LEU A 66 21.71 32.36 -13.33
CA LEU A 66 22.48 32.14 -12.12
C LEU A 66 21.97 33.04 -10.99
N ASP A 67 21.79 34.32 -11.29
CA ASP A 67 21.38 35.30 -10.28
C ASP A 67 20.02 34.99 -9.68
N ALA A 68 19.16 34.36 -10.48
CA ALA A 68 17.81 34.00 -10.07
C ALA A 68 17.77 32.63 -9.37
N ASP A 69 18.91 31.94 -9.34
CA ASP A 69 19.03 30.62 -8.72
C ASP A 69 18.10 29.63 -9.44
N VAL A 70 17.99 29.76 -10.75
CA VAL A 70 17.12 28.85 -11.53
C VAL A 70 17.87 27.93 -12.48
N ASN A 71 19.18 27.81 -12.30
CA ASN A 71 19.96 26.87 -13.05
C ASN A 71 19.85 25.49 -12.42
N ARG A 72 18.61 24.97 -12.41
CA ARG A 72 18.29 23.75 -11.67
C ARG A 72 17.48 22.76 -12.50
N ALA A 73 17.74 21.48 -12.28
CA ALA A 73 16.96 20.40 -12.88
C ALA A 73 16.79 19.26 -11.87
N TRP A 74 15.77 18.44 -12.10
CA TRP A 74 15.59 17.21 -11.30
C TRP A 74 16.59 16.16 -11.79
N PHE A 75 17.02 16.30 -13.04
CA PHE A 75 18.00 15.38 -13.63
C PHE A 75 18.58 16.05 -14.89
N TYR A 76 19.77 15.64 -15.31
CA TYR A 76 20.32 16.18 -16.55
C TYR A 76 19.45 15.80 -17.73
N HIS A 77 19.32 16.72 -18.68
CA HIS A 77 18.55 16.44 -19.88
C HIS A 77 19.28 15.46 -20.79
N SER A 78 18.54 14.58 -21.44
CA SER A 78 19.05 13.82 -22.60
C SER A 78 17.89 13.47 -23.51
N GLU A 79 18.17 13.49 -24.81
CA GLU A 79 17.22 13.02 -25.81
C GLU A 79 17.18 11.50 -25.82
N ILE A 80 18.19 10.88 -25.22
CA ILE A 80 18.32 9.42 -25.21
C ILE A 80 17.88 8.95 -23.83
N SER A 81 16.66 8.42 -23.76
CA SER A 81 16.05 8.08 -22.47
C SER A 81 16.87 7.13 -21.60
N HIS A 82 17.54 6.15 -22.20
CA HIS A 82 18.34 5.23 -21.37
C HIS A 82 19.47 5.92 -20.60
N GLU A 83 19.91 7.07 -21.11
CA GLU A 83 20.95 7.88 -20.45
C GLU A 83 20.46 8.65 -19.22
N LEU A 84 19.15 8.73 -19.03
CA LEU A 84 18.64 9.53 -17.92
C LEU A 84 18.97 8.90 -16.57
N ASP A 85 19.25 9.76 -15.60
CA ASP A 85 19.58 9.34 -14.24
C ASP A 85 18.82 10.22 -13.28
N ILE A 86 17.80 9.64 -12.65
CA ILE A 86 16.96 10.40 -11.72
C ILE A 86 17.33 10.21 -10.25
N SER A 87 18.44 9.52 -9.98
CA SER A 87 18.75 9.12 -8.59
C SER A 87 18.80 10.28 -7.60
N GLU A 88 19.52 11.35 -7.96
CA GLU A 88 19.72 12.46 -7.04
C GLU A 88 18.41 13.22 -6.81
N GLY A 89 17.71 13.51 -7.91
CA GLY A 89 16.43 14.24 -7.82
C GLY A 89 15.42 13.41 -7.05
N LEU A 90 15.34 12.11 -7.34
CA LEU A 90 14.42 11.24 -6.64
C LEU A 90 14.73 11.22 -5.13
N LYS A 91 16.00 11.02 -4.78
CA LYS A 91 16.38 11.00 -3.35
C LYS A 91 16.03 12.31 -2.64
N SER A 92 16.22 13.44 -3.34
CA SER A 92 15.93 14.77 -2.79
C SER A 92 14.45 14.86 -2.40
N VAL A 93 13.57 14.44 -3.32
CA VAL A 93 12.14 14.50 -3.05
C VAL A 93 11.77 13.51 -1.94
N VAL A 94 12.27 12.30 -2.05
CA VAL A 94 12.04 11.26 -1.03
C VAL A 94 12.46 11.72 0.39
N ASP A 95 13.65 12.29 0.50
CA ASP A 95 14.14 12.86 1.76
C ASP A 95 13.23 13.94 2.31
N HIS A 96 12.76 14.82 1.42
CA HIS A 96 11.83 15.84 1.81
C HIS A 96 10.52 15.26 2.36
N ILE A 97 9.95 14.30 1.64
CA ILE A 97 8.72 13.61 2.08
C ILE A 97 8.95 12.86 3.40
N LYS A 98 10.09 12.17 3.51
CA LYS A 98 10.43 11.51 4.79
C LYS A 98 10.39 12.47 5.97
N ALA A 99 10.96 13.66 5.77
CA ALA A 99 11.14 14.65 6.81
C ALA A 99 9.89 15.52 7.06
N ASN A 100 9.06 15.71 6.02
CA ASN A 100 8.00 16.72 6.07
C ASN A 100 6.61 16.22 5.76
N GLY A 101 6.51 14.94 5.40
CA GLY A 101 5.23 14.33 5.05
C GLY A 101 4.46 13.92 6.29
N PRO A 102 3.36 13.17 6.09
CA PRO A 102 2.94 12.68 4.78
C PRO A 102 2.33 13.77 3.89
N TYR A 103 2.41 13.55 2.59
CA TYR A 103 1.74 14.40 1.62
C TYR A 103 0.49 13.72 1.07
N ASP A 104 -0.58 14.50 0.98
CA ASP A 104 -1.85 14.00 0.42
C ASP A 104 -1.83 13.95 -1.11
N GLY A 105 -0.91 14.69 -1.71
CA GLY A 105 -0.80 14.69 -3.16
C GLY A 105 0.44 15.36 -3.66
N ILE A 106 0.62 15.34 -4.97
CA ILE A 106 1.82 15.88 -5.57
C ILE A 106 1.44 16.56 -6.90
N VAL A 107 2.23 17.57 -7.28
CA VAL A 107 2.01 18.32 -8.52
C VAL A 107 3.38 18.52 -9.13
N GLY A 108 3.53 18.24 -10.43
CA GLY A 108 4.80 18.31 -11.13
C GLY A 108 4.62 19.02 -12.46
N LEU A 109 5.66 19.73 -12.86
CA LEU A 109 5.73 20.39 -14.16
C LEU A 109 6.93 19.81 -14.93
N SER A 110 6.66 19.29 -16.30
CA SER A 110 7.56 18.84 -17.32
C SER A 110 8.49 17.83 -16.66
N GLN A 111 10.05 18.18 -16.31
CA GLN A 111 10.85 17.15 -15.58
C GLN A 111 10.23 16.79 -14.26
N GLY A 112 9.71 17.80 -13.56
CA GLY A 112 9.03 17.56 -12.29
C GLY A 112 7.81 16.66 -12.38
N ALA A 113 7.15 16.67 -13.54
CA ALA A 113 5.97 15.81 -13.79
C ALA A 113 6.34 14.35 -14.12
N ALA A 114 7.43 14.19 -14.87
CA ALA A 114 7.98 12.86 -15.09
C ALA A 114 8.37 12.25 -13.75
N LEU A 115 9.06 13.03 -12.93
CA LEU A 115 9.49 12.59 -11.60
C LEU A 115 8.28 12.37 -10.67
N SER A 116 7.35 13.32 -10.64
CA SER A 116 6.17 13.15 -9.77
C SER A 116 5.33 11.92 -10.13
N SER A 117 5.29 11.57 -11.42
CA SER A 117 4.54 10.38 -11.88
C SER A 117 5.26 9.13 -11.34
N ILE A 118 6.56 9.08 -11.47
CA ILE A 118 7.32 7.97 -10.93
C ILE A 118 7.11 7.83 -9.41
N ILE A 119 7.15 8.97 -8.72
CA ILE A 119 6.97 8.96 -7.28
C ILE A 119 5.57 8.51 -6.93
N THR A 120 4.58 8.95 -7.72
CA THR A 120 3.19 8.53 -7.49
C THR A 120 3.07 7.00 -7.56
N ASN A 121 3.74 6.41 -8.54
CA ASN A 121 3.75 4.95 -8.74
C ASN A 121 4.37 4.17 -7.59
N LYS A 122 5.33 4.80 -6.92
CA LYS A 122 6.24 4.10 -6.01
C LYS A 122 6.26 4.63 -4.58
N ILE A 123 5.42 5.62 -4.30
CA ILE A 123 5.48 6.35 -3.03
C ILE A 123 5.53 5.41 -1.80
N SER A 124 4.67 4.40 -1.77
CA SER A 124 4.58 3.53 -0.58
C SER A 124 5.81 2.60 -0.41
N GLU A 125 6.59 2.46 -1.48
CA GLU A 125 7.86 1.72 -1.45
C GLU A 125 9.04 2.64 -1.13
N LEU A 126 9.00 3.86 -1.65
CA LEU A 126 10.04 4.84 -1.43
C LEU A 126 10.03 5.39 0.00
N VAL A 127 8.84 5.52 0.58
CA VAL A 127 8.66 6.12 1.91
C VAL A 127 7.84 5.14 2.74
N PRO A 128 8.52 4.19 3.40
CA PRO A 128 7.73 3.20 4.14
C PRO A 128 6.79 3.88 5.15
N ASP A 129 5.59 3.32 5.27
CA ASP A 129 4.49 3.87 6.08
C ASP A 129 3.70 5.00 5.41
N HIS A 130 4.19 5.53 4.28
CA HIS A 130 3.45 6.58 3.57
C HIS A 130 2.39 5.93 2.68
N PRO A 131 1.12 6.37 2.78
CA PRO A 131 0.10 5.77 1.92
C PRO A 131 0.19 6.28 0.48
N GLN A 132 -0.66 5.75 -0.38
CA GLN A 132 -0.78 6.32 -1.72
C GLN A 132 -1.15 7.80 -1.65
N PHE A 133 -0.80 8.52 -2.71
CA PHE A 133 -1.31 9.88 -2.82
C PHE A 133 -2.82 9.83 -3.08
N LYS A 134 -3.52 10.83 -2.57
CA LYS A 134 -4.93 10.97 -2.93
C LYS A 134 -5.08 11.52 -4.34
N VAL A 135 -4.13 12.36 -4.75
CA VAL A 135 -4.22 13.01 -6.04
C VAL A 135 -2.81 13.29 -6.55
N SER A 136 -2.67 13.17 -7.88
CA SER A 136 -1.39 13.41 -8.51
C SER A 136 -1.67 14.23 -9.77
N VAL A 137 -1.09 15.44 -9.82
CA VAL A 137 -1.35 16.38 -10.90
C VAL A 137 -0.11 16.46 -11.80
N VAL A 138 -0.27 16.05 -13.06
CA VAL A 138 0.86 15.87 -13.96
C VAL A 138 0.75 16.96 -15.04
N ILE A 139 1.55 18.02 -14.92
CA ILE A 139 1.46 19.18 -15.82
C ILE A 139 2.57 19.08 -16.89
N SER A 140 2.16 18.99 -18.14
CA SER A 140 3.10 18.88 -19.27
C SER A 140 4.11 17.77 -19.00
N GLY A 141 3.62 16.63 -18.53
CA GLY A 141 4.48 15.50 -18.21
C GLY A 141 4.80 14.62 -19.39
N TYR A 142 5.71 13.68 -19.17
CA TYR A 142 6.14 12.75 -20.21
C TYR A 142 6.85 11.60 -19.53
N SER A 143 7.00 10.50 -20.26
CA SER A 143 7.75 9.34 -19.80
C SER A 143 8.97 9.16 -20.66
N PHE A 144 9.84 8.29 -20.20
CA PHE A 144 11.20 8.21 -20.80
C PHE A 144 11.20 7.21 -21.95
N THR A 145 10.65 7.66 -23.07
CA THR A 145 10.44 6.82 -24.23
C THR A 145 11.66 6.80 -25.18
N GLU A 146 11.64 5.81 -26.07
CA GLU A 146 12.65 5.67 -27.15
C GLU A 146 11.98 4.99 -28.37
N PRO A 147 12.64 5.02 -29.54
CA PRO A 147 12.07 4.30 -30.68
C PRO A 147 11.96 2.80 -30.37
N ASP A 148 10.83 2.20 -30.77
CA ASP A 148 10.59 0.78 -30.58
C ASP A 148 11.09 0.08 -31.84
N PRO A 149 12.21 -0.65 -31.75
CA PRO A 149 12.84 -1.18 -32.96
C PRO A 149 11.87 -1.97 -33.84
N GLU A 150 11.00 -2.79 -33.23
CA GLU A 150 10.11 -3.66 -34.00
C GLU A 150 8.83 -2.98 -34.45
N HIS A 151 8.66 -1.73 -34.01
CA HIS A 151 7.50 -0.93 -34.38
C HIS A 151 7.91 0.44 -34.90
N PRO A 152 8.41 0.49 -36.15
CA PRO A 152 8.89 1.76 -36.69
C PRO A 152 7.81 2.84 -36.55
N GLY A 153 8.24 4.01 -36.10
CA GLY A 153 7.32 5.13 -35.87
C GLY A 153 6.62 5.14 -34.53
N GLU A 154 6.75 4.05 -33.77
CA GLU A 154 6.15 3.96 -32.44
C GLU A 154 7.23 4.03 -31.38
N LEU A 155 6.83 4.40 -30.18
CA LEU A 155 7.76 4.55 -29.06
C LEU A 155 7.47 3.55 -27.97
N ARG A 156 8.50 3.15 -27.24
CA ARG A 156 8.31 2.35 -26.03
C ARG A 156 9.07 3.00 -24.87
N ILE A 157 8.69 2.68 -23.65
CA ILE A 157 9.48 3.16 -22.50
C ILE A 157 10.82 2.43 -22.45
N THR A 158 11.92 3.16 -22.26
CA THR A 158 13.24 2.51 -22.24
C THR A 158 13.31 1.50 -21.10
N GLU A 159 14.04 0.39 -21.28
CA GLU A 159 14.04 -0.68 -20.28
C GLU A 159 14.38 -0.22 -18.86
N LYS A 160 15.38 0.68 -18.73
CA LYS A 160 15.81 1.17 -17.39
C LYS A 160 14.62 1.66 -16.54
N PHE A 161 13.63 2.23 -17.22
CA PHE A 161 12.53 2.93 -16.54
C PHE A 161 11.17 2.23 -16.70
N ARG A 162 11.19 0.99 -17.21
CA ARG A 162 9.94 0.22 -17.32
C ARG A 162 9.28 0.05 -15.98
N ASP A 163 10.04 -0.38 -14.97
CA ASP A 163 9.47 -0.54 -13.62
C ASP A 163 8.99 0.81 -13.08
N SER A 164 9.78 1.86 -13.32
CA SER A 164 9.43 3.20 -12.81
C SER A 164 8.07 3.71 -13.26
N PHE A 165 7.74 3.48 -14.52
CA PHE A 165 6.48 3.96 -15.11
C PHE A 165 5.37 2.90 -15.09
N ALA A 166 5.63 1.75 -14.46
CA ALA A 166 4.60 0.72 -14.28
C ALA A 166 3.57 1.20 -13.26
N VAL A 167 2.30 1.12 -13.63
CA VAL A 167 1.20 1.54 -12.76
C VAL A 167 0.40 0.30 -12.35
N LYS A 168 0.31 0.07 -11.05
CA LYS A 168 -0.48 -1.04 -10.48
C LYS A 168 -1.97 -0.82 -10.74
N PRO A 169 -2.74 -1.90 -10.97
CA PRO A 169 -4.18 -1.74 -11.08
C PRO A 169 -4.82 -1.21 -9.79
N ASP A 170 -5.98 -0.57 -9.95
CA ASP A 170 -6.86 -0.19 -8.85
C ASP A 170 -6.25 0.84 -7.90
N MET A 171 -5.38 1.70 -8.43
CA MET A 171 -4.76 2.75 -7.63
C MET A 171 -5.83 3.65 -7.05
N LYS A 172 -5.66 4.05 -5.79
CA LYS A 172 -6.63 4.93 -5.16
C LYS A 172 -6.44 6.33 -5.77
N THR A 173 -5.19 6.68 -6.07
CA THR A 173 -4.83 8.04 -6.54
C THR A 173 -5.63 8.50 -7.76
N LYS A 174 -6.23 9.68 -7.68
CA LYS A 174 -6.83 10.33 -8.84
C LYS A 174 -5.71 11.05 -9.61
N MET A 175 -5.56 10.70 -10.88
CA MET A 175 -4.52 11.31 -11.76
C MET A 175 -5.15 12.46 -12.53
N ILE A 176 -4.49 13.62 -12.52
CA ILE A 176 -5.01 14.75 -13.29
C ILE A 176 -3.91 15.20 -14.23
N PHE A 177 -4.11 14.96 -15.54
CA PHE A 177 -3.14 15.39 -16.56
C PHE A 177 -3.53 16.73 -17.13
N ILE A 178 -2.55 17.60 -17.30
CA ILE A 178 -2.74 18.93 -17.90
C ILE A 178 -1.71 19.10 -19.00
N TYR A 179 -2.12 19.60 -20.17
CA TYR A 179 -1.16 19.88 -21.23
C TYR A 179 -1.66 21.01 -22.13
N GLY A 180 -0.71 21.67 -22.78
CA GLY A 180 -1.02 22.82 -23.64
C GLY A 180 -1.00 22.44 -25.12
N ALA A 181 -2.02 22.89 -25.85
CA ALA A 181 -2.17 22.55 -27.25
C ALA A 181 -1.02 23.13 -28.08
N SER A 182 -0.44 24.23 -27.61
CA SER A 182 0.63 24.95 -28.33
C SER A 182 2.04 24.56 -27.87
N ASP A 183 2.12 23.61 -26.93
CA ASP A 183 3.40 23.26 -26.32
C ASP A 183 4.29 22.54 -27.32
N GLN A 184 5.42 23.16 -27.65
CA GLN A 184 6.43 22.55 -28.51
C GLN A 184 7.61 21.96 -27.72
N ALA A 185 7.83 22.39 -26.48
CA ALA A 185 8.89 21.82 -25.64
C ALA A 185 8.58 20.38 -25.27
N VAL A 186 7.32 20.17 -24.87
CA VAL A 186 6.77 18.84 -24.58
C VAL A 186 5.44 18.74 -25.34
N PRO A 187 5.49 18.28 -26.61
CA PRO A 187 4.27 18.12 -27.38
C PRO A 187 3.30 17.22 -26.63
N SER A 188 2.01 17.59 -26.70
CA SER A 188 0.99 16.89 -25.93
C SER A 188 0.86 15.39 -26.20
N VAL A 189 1.34 14.91 -27.36
CA VAL A 189 1.43 13.46 -27.63
C VAL A 189 2.17 12.73 -26.50
N ARG A 190 3.23 13.34 -25.98
CA ARG A 190 4.01 12.75 -24.88
C ARG A 190 3.21 12.69 -23.57
N SER A 191 2.44 13.74 -23.28
CA SER A 191 1.64 13.73 -22.05
C SER A 191 0.48 12.73 -22.16
N LYS A 192 -0.12 12.65 -23.35
CA LYS A 192 -1.19 11.67 -23.61
C LYS A 192 -0.68 10.23 -23.55
N TYR A 193 0.54 10.01 -24.02
CA TYR A 193 1.17 8.70 -23.95
C TYR A 193 1.26 8.27 -22.47
N LEU A 194 1.69 9.18 -21.62
CA LEU A 194 1.78 8.90 -20.19
C LEU A 194 0.38 8.73 -19.55
N TYR A 195 -0.54 9.64 -19.87
CA TYR A 195 -1.96 9.52 -19.48
C TYR A 195 -2.53 8.14 -19.80
N ASP A 196 -2.22 7.62 -20.99
CA ASP A 196 -2.79 6.34 -21.44
C ASP A 196 -2.38 5.19 -20.51
N ILE A 197 -1.17 5.28 -19.97
CA ILE A 197 -0.66 4.24 -19.06
C ILE A 197 -1.58 4.17 -17.83
N TYR A 198 -1.85 5.34 -17.22
CA TYR A 198 -2.77 5.39 -16.08
C TYR A 198 -4.18 4.97 -16.44
N LEU A 199 -4.69 5.45 -17.58
CA LEU A 199 -6.07 5.14 -17.98
C LEU A 199 -6.24 3.63 -18.12
N LYS A 200 -5.29 2.98 -18.78
CA LYS A 200 -5.30 1.54 -18.95
C LYS A 200 -5.29 0.79 -17.61
N ALA A 201 -4.44 1.24 -16.68
CA ALA A 201 -4.32 0.60 -15.37
C ALA A 201 -5.61 0.73 -14.58
N GLN A 202 -6.36 1.81 -14.86
CA GLN A 202 -7.68 2.03 -14.27
C GLN A 202 -8.85 1.56 -15.15
N ASN A 203 -8.56 0.69 -16.12
CA ASN A 203 -9.61 0.08 -16.95
C ASN A 203 -10.50 1.11 -17.64
N GLY A 204 -9.91 2.21 -18.08
CA GLY A 204 -10.61 3.22 -18.86
C GLY A 204 -11.48 4.16 -18.06
N ASN A 205 -11.34 4.12 -16.73
CA ASN A 205 -12.14 4.96 -15.84
C ASN A 205 -11.73 6.42 -15.88
N LYS A 206 -12.42 7.23 -16.67
CA LYS A 206 -12.07 8.65 -16.81
C LYS A 206 -12.47 9.51 -15.60
N GLU A 207 -13.13 8.90 -14.61
CA GLU A 207 -13.39 9.57 -13.34
C GLU A 207 -12.16 9.51 -12.45
N LYS A 208 -11.28 8.54 -12.69
CA LYS A 208 -10.05 8.38 -11.92
C LYS A 208 -8.81 8.89 -12.63
N VAL A 209 -8.89 8.98 -13.95
CA VAL A 209 -7.75 9.51 -14.74
C VAL A 209 -8.31 10.58 -15.66
N LEU A 210 -7.93 11.82 -15.40
CA LEU A 210 -8.53 13.00 -16.05
C LEU A 210 -7.50 13.69 -16.91
N ALA A 211 -7.98 14.35 -17.97
CA ALA A 211 -7.10 15.12 -18.87
C ALA A 211 -7.72 16.47 -19.17
N TYR A 212 -6.91 17.52 -19.07
CA TYR A 212 -7.36 18.88 -19.35
C TYR A 212 -6.38 19.51 -20.31
N GLU A 213 -6.88 19.89 -21.47
CA GLU A 213 -6.05 20.60 -22.43
C GLU A 213 -6.34 22.11 -22.40
N HIS A 214 -5.30 22.94 -22.33
CA HIS A 214 -5.50 24.37 -22.47
C HIS A 214 -4.89 24.81 -23.81
N PRO A 215 -5.27 26.01 -24.31
CA PRO A 215 -4.81 26.46 -25.64
C PRO A 215 -3.36 26.95 -25.68
N GLY A 216 -2.75 27.13 -24.51
CA GLY A 216 -1.42 27.72 -24.42
C GLY A 216 -0.29 26.73 -24.64
N GLY A 217 0.92 27.20 -24.38
CA GLY A 217 2.12 26.41 -24.59
C GLY A 217 2.62 25.75 -23.31
N HIS A 218 3.95 25.79 -23.15
CA HIS A 218 4.65 25.11 -22.05
C HIS A 218 4.61 25.98 -20.80
N MET A 219 3.52 25.85 -20.07
CA MET A 219 3.23 26.77 -18.96
C MET A 219 2.21 26.12 -18.05
N VAL A 220 2.17 26.60 -16.81
CA VAL A 220 1.11 26.25 -15.90
C VAL A 220 -0.07 27.11 -16.34
N PRO A 221 -1.24 26.50 -16.61
CA PRO A 221 -2.37 27.31 -17.04
C PRO A 221 -2.90 28.15 -15.89
N ASN A 222 -3.55 29.26 -16.23
CA ASN A 222 -4.07 30.17 -15.20
C ASN A 222 -5.50 30.62 -15.47
N LYS A 223 -6.01 30.27 -16.65
CA LYS A 223 -7.36 30.68 -17.05
C LYS A 223 -8.43 30.01 -16.19
N LYS A 224 -9.34 30.84 -15.67
CA LYS A 224 -10.45 30.41 -14.81
C LYS A 224 -11.18 29.13 -15.26
N ASP A 225 -11.52 29.06 -16.55
CA ASP A 225 -12.33 27.97 -17.08
C ASP A 225 -11.60 26.61 -17.10
N ILE A 226 -10.27 26.66 -17.01
CA ILE A 226 -9.47 25.45 -16.92
C ILE A 226 -9.12 25.11 -15.46
N ILE A 227 -8.59 26.07 -14.70
CA ILE A 227 -8.07 25.77 -13.37
C ILE A 227 -9.15 25.56 -12.31
N ARG A 228 -10.32 26.17 -12.48
CA ARG A 228 -11.42 25.92 -11.54
C ARG A 228 -11.87 24.44 -11.49
N PRO A 229 -12.23 23.83 -12.64
CA PRO A 229 -12.62 22.41 -12.56
C PRO A 229 -11.48 21.53 -12.03
N ILE A 230 -10.24 21.89 -12.38
CA ILE A 230 -9.07 21.13 -11.93
C ILE A 230 -9.02 21.14 -10.42
N VAL A 231 -9.14 22.33 -9.84
CA VAL A 231 -9.08 22.48 -8.39
C VAL A 231 -10.25 21.77 -7.71
N GLU A 232 -11.42 21.79 -8.36
CA GLU A 232 -12.57 21.07 -7.82
C GLU A 232 -12.29 19.57 -7.72
N GLN A 233 -11.63 19.02 -8.74
CA GLN A 233 -11.25 17.61 -8.76
C GLN A 233 -10.22 17.26 -7.69
N ILE A 234 -9.29 18.18 -7.45
CA ILE A 234 -8.29 18.02 -6.40
C ILE A 234 -9.00 18.03 -5.04
N THR A 235 -9.78 19.06 -4.77
CA THR A 235 -10.39 19.20 -3.46
C THR A 235 -11.38 18.03 -3.17
N SER A 236 -12.11 17.57 -4.18
CA SER A 236 -13.00 16.43 -4.01
C SER A 236 -12.24 15.12 -3.72
N SER A 237 -11.03 14.98 -4.25
CA SER A 237 -10.21 13.80 -3.94
C SER A 237 -9.67 13.85 -2.51
N LEU A 238 -9.46 15.07 -2.00
CA LEU A 238 -8.93 15.28 -0.66
C LEU A 238 -10.00 15.11 0.43
N GLN A 239 -11.27 14.97 0.02
CA GLN A 239 -12.38 14.79 0.96
C GLN A 239 -12.81 13.33 1.06
N GLN B 4 7.61 -21.96 -8.69
CA GLN B 4 6.66 -22.08 -7.56
C GLN B 4 5.86 -20.79 -7.39
N ILE B 5 4.54 -20.96 -7.41
CA ILE B 5 3.62 -19.84 -7.27
C ILE B 5 3.59 -19.37 -5.79
N PRO B 6 3.04 -18.18 -5.51
CA PRO B 6 2.98 -17.77 -4.09
C PRO B 6 2.24 -18.80 -3.25
N LYS B 7 2.69 -18.99 -2.00
CA LYS B 7 2.11 -19.99 -1.09
C LYS B 7 1.61 -19.33 0.19
N LEU B 8 0.40 -19.69 0.60
CA LEU B 8 -0.16 -19.21 1.86
C LEU B 8 -0.40 -20.43 2.75
N LEU B 9 -0.18 -20.26 4.04
CA LEU B 9 -0.48 -21.30 5.02
C LEU B 9 -1.72 -20.92 5.81
N PHE B 10 -2.66 -21.86 5.93
CA PHE B 10 -3.94 -21.60 6.60
C PHE B 10 -4.06 -22.37 7.93
N LEU B 11 -4.35 -21.63 9.01
CA LEU B 11 -4.47 -22.25 10.35
C LEU B 11 -5.91 -22.11 10.83
N HIS B 12 -6.58 -23.26 11.01
CA HIS B 12 -8.00 -23.30 11.39
C HIS B 12 -8.31 -22.91 12.84
N GLY B 13 -9.60 -22.84 13.18
CA GLY B 13 -10.00 -22.50 14.54
C GLY B 13 -10.24 -23.70 15.45
N PHE B 14 -10.61 -23.41 16.69
CA PHE B 14 -10.98 -24.42 17.69
C PHE B 14 -12.11 -25.29 17.14
N LEU B 15 -11.97 -26.60 17.33
CA LEU B 15 -12.98 -27.59 16.90
C LEU B 15 -13.19 -27.64 15.37
N GLN B 16 -12.09 -27.47 14.66
CA GLN B 16 -12.07 -27.68 13.22
C GLN B 16 -10.85 -28.55 12.84
N ASN B 17 -10.66 -28.71 11.53
CA ASN B 17 -9.44 -29.25 10.97
C ASN B 17 -9.16 -28.54 9.65
N GLY B 18 -8.06 -28.92 8.97
CA GLY B 18 -7.73 -28.29 7.70
C GLY B 18 -8.84 -28.42 6.67
N LYS B 19 -9.44 -29.61 6.59
CA LYS B 19 -10.51 -29.85 5.65
C LYS B 19 -11.69 -28.92 5.87
N VAL B 20 -12.15 -28.83 7.12
CA VAL B 20 -13.30 -27.98 7.43
C VAL B 20 -12.98 -26.50 7.18
N PHE B 21 -11.77 -26.08 7.51
CA PHE B 21 -11.38 -24.69 7.25
C PHE B 21 -11.32 -24.40 5.74
N SER B 22 -10.84 -25.38 4.97
CA SER B 22 -10.82 -25.31 3.52
C SER B 22 -12.26 -25.08 3.01
N GLU B 23 -13.21 -25.82 3.56
CA GLU B 23 -14.62 -25.69 3.18
C GLU B 23 -15.19 -24.33 3.52
N LYS B 24 -14.98 -23.89 4.76
CA LYS B 24 -15.47 -22.59 5.22
C LYS B 24 -14.85 -21.39 4.50
N SER B 25 -13.62 -21.58 4.00
CA SER B 25 -12.92 -20.53 3.22
C SER B 25 -12.93 -20.77 1.71
N SER B 26 -13.85 -21.62 1.23
CA SER B 26 -13.90 -21.95 -0.20
C SER B 26 -14.03 -20.72 -1.10
N GLY B 27 -14.79 -19.70 -0.68
CA GLY B 27 -14.96 -18.50 -1.53
C GLY B 27 -13.64 -17.75 -1.72
N ILE B 28 -12.96 -17.51 -0.60
CA ILE B 28 -11.64 -16.85 -0.61
C ILE B 28 -10.64 -17.70 -1.41
N ARG B 29 -10.62 -18.99 -1.14
CA ARG B 29 -9.68 -19.87 -1.84
C ARG B 29 -9.91 -19.87 -3.35
N LYS B 30 -11.17 -19.83 -3.78
CA LYS B 30 -11.48 -19.84 -5.21
C LYS B 30 -10.86 -18.63 -5.89
N LEU B 31 -11.06 -17.45 -5.30
CA LEU B 31 -10.47 -16.22 -5.80
C LEU B 31 -8.95 -16.30 -5.81
N LEU B 32 -8.37 -16.86 -4.75
CA LEU B 32 -6.90 -16.96 -4.65
C LEU B 32 -6.32 -17.90 -5.70
N LYS B 33 -6.93 -19.07 -5.87
CA LYS B 33 -6.48 -20.02 -6.89
C LYS B 33 -6.60 -19.45 -8.31
N LYS B 34 -7.65 -18.66 -8.56
CA LYS B 34 -7.80 -17.98 -9.84
C LYS B 34 -6.66 -16.99 -10.08
N ALA B 35 -6.19 -16.37 -9.00
CA ALA B 35 -5.04 -15.48 -9.04
C ALA B 35 -3.70 -16.21 -8.91
N ASN B 36 -3.73 -17.53 -9.10
CA ASN B 36 -2.53 -18.39 -9.10
C ASN B 36 -1.77 -18.35 -7.79
N VAL B 37 -2.51 -18.55 -6.70
CA VAL B 37 -1.95 -18.59 -5.37
C VAL B 37 -2.27 -19.96 -4.77
N GLN B 38 -1.26 -20.58 -4.15
CA GLN B 38 -1.42 -21.89 -3.53
C GLN B 38 -1.82 -21.72 -2.08
N CYS B 39 -2.88 -22.43 -1.66
CA CYS B 39 -3.39 -22.32 -0.29
C CYS B 39 -3.24 -23.67 0.42
N ASP B 40 -2.33 -23.74 1.40
CA ASP B 40 -2.02 -24.97 2.13
C ASP B 40 -2.77 -25.00 3.45
N TYR B 41 -3.44 -26.12 3.71
CA TYR B 41 -4.18 -26.30 4.97
C TYR B 41 -3.59 -27.40 5.83
N ILE B 42 -3.42 -27.10 7.11
CA ILE B 42 -2.86 -28.07 8.05
C ILE B 42 -3.74 -28.26 9.28
N ASP B 43 -3.51 -29.36 10.01
CA ASP B 43 -4.31 -29.73 11.18
C ASP B 43 -3.61 -29.36 12.48
N ALA B 44 -4.37 -28.78 13.41
CA ALA B 44 -3.85 -28.45 14.75
C ALA B 44 -3.63 -29.74 15.56
N PRO B 45 -2.55 -29.77 16.38
CA PRO B 45 -2.06 -30.99 17.06
C PRO B 45 -2.76 -31.40 18.36
N VAL B 46 -3.45 -30.49 19.04
CA VAL B 46 -4.03 -30.81 20.35
C VAL B 46 -5.37 -31.51 20.15
N LEU B 47 -5.41 -32.79 20.52
CA LEU B 47 -6.66 -33.54 20.42
C LEU B 47 -7.46 -33.41 21.68
N LEU B 48 -8.66 -32.87 21.51
CA LEU B 48 -9.54 -32.52 22.61
C LEU B 48 -10.36 -33.71 23.06
N GLU B 49 -10.63 -33.74 24.35
CA GLU B 49 -11.63 -34.63 24.91
C GLU B 49 -12.87 -33.78 25.20
N LYS B 50 -14.00 -34.44 25.46
CA LYS B 50 -15.27 -33.73 25.63
C LYS B 50 -15.23 -32.71 26.77
N LYS B 51 -14.45 -33.03 27.80
CA LYS B 51 -14.27 -32.17 28.97
C LYS B 51 -13.48 -30.89 28.65
N ASP B 52 -12.73 -30.89 27.55
CA ASP B 52 -11.93 -29.74 27.13
C ASP B 52 -12.75 -28.64 26.45
N LEU B 53 -14.02 -28.93 26.19
CA LEU B 53 -14.91 -27.96 25.55
C LEU B 53 -15.44 -26.92 26.55
N PRO B 54 -15.28 -25.62 26.21
CA PRO B 54 -15.81 -24.57 27.09
C PRO B 54 -17.34 -24.40 26.98
N PHE B 55 -17.94 -25.01 25.97
CA PHE B 55 -19.39 -24.94 25.74
C PHE B 55 -20.06 -26.32 25.85
N GLU B 56 -21.37 -26.31 26.02
CA GLU B 56 -22.17 -27.54 26.15
C GLU B 56 -22.36 -28.27 24.83
N MET B 57 -22.22 -29.60 24.85
CA MET B 57 -22.40 -30.44 23.67
C MET B 57 -22.95 -31.84 23.98
N ASP B 58 -23.78 -32.35 23.07
CA ASP B 58 -24.32 -33.72 23.11
C ASP B 58 -23.24 -34.79 23.08
N ASP B 59 -23.60 -35.98 23.55
CA ASP B 59 -22.81 -37.18 23.29
C ASP B 59 -22.86 -37.54 21.80
N GLU B 60 -23.98 -37.24 21.16
CA GLU B 60 -24.16 -37.49 19.72
C GLU B 60 -23.29 -36.55 18.89
N LYS B 61 -23.37 -35.26 19.22
CA LYS B 61 -22.61 -34.21 18.54
C LYS B 61 -21.11 -34.42 18.76
N TRP B 62 -20.75 -34.87 19.97
CA TRP B 62 -19.36 -35.24 20.26
C TRP B 62 -18.88 -36.43 19.43
N GLN B 63 -19.77 -37.40 19.20
CA GLN B 63 -19.42 -38.54 18.34
C GLN B 63 -19.13 -38.08 16.92
N ALA B 64 -20.00 -37.21 16.40
CA ALA B 64 -19.85 -36.64 15.06
C ALA B 64 -18.59 -35.76 14.97
N THR B 65 -18.28 -35.05 16.06
CA THR B 65 -17.03 -34.30 16.17
C THR B 65 -15.83 -35.25 15.98
N LEU B 66 -15.84 -36.34 16.72
CA LEU B 66 -14.81 -37.37 16.58
C LEU B 66 -14.79 -37.97 15.18
N ASP B 67 -15.96 -38.33 14.66
CA ASP B 67 -16.08 -38.92 13.32
C ASP B 67 -15.48 -38.04 12.22
N ALA B 68 -15.60 -36.71 12.39
CA ALA B 68 -15.12 -35.72 11.41
C ALA B 68 -13.65 -35.35 11.65
N ASP B 69 -13.07 -35.88 12.73
CA ASP B 69 -11.69 -35.61 13.12
C ASP B 69 -11.49 -34.10 13.37
N VAL B 70 -12.51 -33.46 13.94
CA VAL B 70 -12.41 -32.03 14.23
C VAL B 70 -12.31 -31.71 15.72
N ASN B 71 -11.99 -32.72 16.54
CA ASN B 71 -11.76 -32.47 17.97
C ASN B 71 -10.33 -31.95 18.14
N ARG B 72 -10.06 -30.81 17.53
CA ARG B 72 -8.70 -30.27 17.45
C ARG B 72 -8.60 -28.80 17.90
N ALA B 73 -7.45 -28.47 18.47
CA ALA B 73 -7.14 -27.10 18.84
C ALA B 73 -5.65 -26.83 18.65
N TRP B 74 -5.30 -25.56 18.50
CA TRP B 74 -3.90 -25.16 18.48
C TRP B 74 -3.35 -25.13 19.91
N PHE B 75 -4.24 -24.92 20.87
CA PHE B 75 -3.89 -24.93 22.29
C PHE B 75 -5.18 -25.14 23.10
N TYR B 76 -5.05 -25.65 24.32
CA TYR B 76 -6.22 -25.73 25.19
C TYR B 76 -6.80 -24.36 25.46
N HIS B 77 -8.13 -24.31 25.49
CA HIS B 77 -8.83 -23.08 25.84
C HIS B 77 -8.71 -22.73 27.33
N SER B 78 -8.59 -21.44 27.62
CA SER B 78 -8.80 -20.92 28.98
C SER B 78 -9.29 -19.48 28.84
N GLU B 79 -10.13 -19.07 29.78
CA GLU B 79 -10.50 -17.67 29.91
C GLU B 79 -9.39 -16.88 30.58
N ILE B 80 -8.43 -17.57 31.20
CA ILE B 80 -7.35 -16.94 31.91
C ILE B 80 -6.10 -17.00 31.05
N SER B 81 -5.77 -15.87 30.45
CA SER B 81 -4.69 -15.83 29.47
C SER B 81 -3.35 -16.38 29.96
N HIS B 82 -2.98 -16.09 31.21
CA HIS B 82 -1.66 -16.56 31.70
C HIS B 82 -1.53 -18.08 31.73
N GLU B 83 -2.68 -18.75 31.78
CA GLU B 83 -2.77 -20.24 31.71
C GLU B 83 -2.55 -20.84 30.33
N LEU B 84 -2.55 -20.02 29.28
CA LEU B 84 -2.45 -20.56 27.91
C LEU B 84 -1.06 -21.07 27.62
N ASP B 85 -1.00 -22.17 26.87
CA ASP B 85 0.29 -22.77 26.50
C ASP B 85 0.24 -23.05 25.01
N ILE B 86 1.00 -22.30 24.22
CA ILE B 86 0.91 -22.48 22.77
C ILE B 86 2.06 -23.32 22.23
N SER B 87 2.85 -23.91 23.13
CA SER B 87 4.12 -24.52 22.71
C SER B 87 3.93 -25.62 21.64
N GLU B 88 3.04 -26.56 21.90
CA GLU B 88 2.83 -27.68 20.96
C GLU B 88 2.29 -27.20 19.60
N GLY B 89 1.27 -26.35 19.64
CA GLY B 89 0.71 -25.80 18.41
C GLY B 89 1.73 -25.01 17.61
N LEU B 90 2.46 -24.12 18.30
CA LEU B 90 3.49 -23.30 17.65
C LEU B 90 4.55 -24.20 17.01
N LYS B 91 5.07 -25.16 17.77
CA LYS B 91 6.07 -26.10 17.23
C LYS B 91 5.56 -26.81 15.96
N SER B 92 4.29 -27.24 15.97
CA SER B 92 3.66 -27.93 14.85
C SER B 92 3.71 -27.06 13.57
N VAL B 93 3.30 -25.80 13.68
CA VAL B 93 3.34 -24.88 12.53
C VAL B 93 4.77 -24.56 12.09
N VAL B 94 5.63 -24.25 13.06
CA VAL B 94 7.03 -23.97 12.73
C VAL B 94 7.71 -25.16 12.01
N ASP B 95 7.51 -26.38 12.52
CA ASP B 95 7.99 -27.61 11.87
C ASP B 95 7.44 -27.71 10.43
N HIS B 96 6.17 -27.38 10.26
CA HIS B 96 5.59 -27.41 8.91
C HIS B 96 6.28 -26.41 7.96
N ILE B 97 6.47 -25.18 8.42
CA ILE B 97 7.09 -24.12 7.64
C ILE B 97 8.54 -24.53 7.32
N LYS B 98 9.24 -25.09 8.30
CA LYS B 98 10.63 -25.52 8.09
C LYS B 98 10.71 -26.56 6.97
N ALA B 99 9.74 -27.49 6.94
CA ALA B 99 9.74 -28.58 5.96
C ALA B 99 9.14 -28.20 4.60
N ASN B 100 8.21 -27.25 4.59
CA ASN B 100 7.40 -26.99 3.39
C ASN B 100 7.43 -25.56 2.86
N GLY B 101 8.17 -24.71 3.54
CA GLY B 101 8.21 -23.29 3.19
C GLY B 101 9.27 -23.03 2.12
N PRO B 102 9.59 -21.75 1.91
CA PRO B 102 8.98 -20.63 2.64
C PRO B 102 7.52 -20.37 2.23
N TYR B 103 6.82 -19.70 3.13
CA TYR B 103 5.49 -19.20 2.87
C TYR B 103 5.52 -17.69 2.66
N ASP B 104 4.83 -17.25 1.62
CA ASP B 104 4.72 -15.83 1.31
C ASP B 104 3.70 -15.14 2.24
N GLY B 105 2.84 -15.93 2.87
CA GLY B 105 1.91 -15.36 3.81
C GLY B 105 1.20 -16.41 4.62
N ILE B 106 0.34 -15.94 5.52
CA ILE B 106 -0.30 -16.83 6.47
C ILE B 106 -1.72 -16.33 6.71
N VAL B 107 -2.62 -17.26 7.01
CA VAL B 107 -4.04 -16.93 7.21
C VAL B 107 -4.50 -17.73 8.40
N GLY B 108 -5.11 -17.09 9.40
CA GLY B 108 -5.53 -17.79 10.62
C GLY B 108 -6.96 -17.45 10.98
N LEU B 109 -7.65 -18.40 11.58
CA LEU B 109 -8.98 -18.18 12.10
C LEU B 109 -8.94 -18.41 13.62
N SER B 110 -9.57 -17.28 14.47
CA SER B 110 -9.86 -17.38 15.88
C SER B 110 -8.61 -17.84 16.60
N GLN B 111 -8.49 -19.29 17.31
CA GLN B 111 -7.15 -19.65 17.89
C GLN B 111 -6.03 -19.60 16.85
N GLY B 112 -6.35 -20.02 15.62
CA GLY B 112 -5.39 -20.04 14.53
C GLY B 112 -4.89 -18.64 14.18
N ALA B 113 -5.75 -17.63 14.36
CA ALA B 113 -5.40 -16.21 14.12
C ALA B 113 -4.54 -15.63 15.26
N ALA B 114 -4.83 -16.01 16.50
CA ALA B 114 -3.93 -15.62 17.60
C ALA B 114 -2.55 -16.20 17.34
N LEU B 115 -2.52 -17.47 16.93
CA LEU B 115 -1.25 -18.13 16.64
C LEU B 115 -0.57 -17.54 15.41
N SER B 116 -1.31 -17.33 14.32
CA SER B 116 -0.70 -16.76 13.12
C SER B 116 -0.12 -15.39 13.36
N SER B 117 -0.77 -14.59 14.20
CA SER B 117 -0.26 -13.26 14.54
C SER B 117 1.10 -13.36 15.23
N ILE B 118 1.21 -14.24 16.21
CA ILE B 118 2.47 -14.45 16.92
C ILE B 118 3.54 -14.90 15.95
N ILE B 119 3.19 -15.84 15.08
CA ILE B 119 4.16 -16.33 14.10
C ILE B 119 4.58 -15.22 13.15
N THR B 120 3.62 -14.39 12.73
CA THR B 120 3.94 -13.23 11.87
C THR B 120 5.00 -12.35 12.53
N ASN B 121 4.88 -12.14 13.84
CA ASN B 121 5.78 -11.26 14.59
C ASN B 121 7.19 -11.81 14.69
N LYS B 122 7.30 -13.13 14.67
CA LYS B 122 8.54 -13.84 15.05
C LYS B 122 9.10 -14.74 13.94
N ILE B 123 8.47 -14.74 12.76
CA ILE B 123 8.76 -15.74 11.71
C ILE B 123 10.27 -15.95 11.43
N SER B 124 11.01 -14.86 11.29
CA SER B 124 12.46 -14.93 10.96
C SER B 124 13.30 -15.45 12.12
N GLU B 125 12.81 -15.27 13.35
CA GLU B 125 13.44 -15.85 14.53
C GLU B 125 13.10 -17.34 14.67
N LEU B 126 11.85 -17.70 14.38
CA LEU B 126 11.38 -19.08 14.52
C LEU B 126 11.91 -20.00 13.43
N VAL B 127 12.04 -19.46 12.22
CA VAL B 127 12.53 -20.21 11.07
C VAL B 127 13.70 -19.40 10.50
N PRO B 128 14.93 -19.73 10.94
CA PRO B 128 16.08 -19.00 10.37
C PRO B 128 16.09 -18.99 8.84
N ASP B 129 16.43 -17.82 8.30
CA ASP B 129 16.46 -17.56 6.86
C ASP B 129 15.09 -17.38 6.21
N HIS B 130 14.01 -17.56 6.96
CA HIS B 130 12.67 -17.29 6.41
C HIS B 130 12.44 -15.77 6.47
N PRO B 131 11.98 -15.18 5.36
CA PRO B 131 11.75 -13.74 5.35
C PRO B 131 10.45 -13.39 6.07
N GLN B 132 10.23 -12.11 6.33
CA GLN B 132 8.94 -11.65 6.81
C GLN B 132 7.85 -12.12 5.84
N PHE B 133 6.65 -12.35 6.35
CA PHE B 133 5.54 -12.59 5.44
C PHE B 133 5.25 -11.33 4.62
N LYS B 134 4.84 -11.55 3.38
CA LYS B 134 4.30 -10.45 2.55
C LYS B 134 2.94 -9.99 3.07
N VAL B 135 2.17 -10.95 3.59
CA VAL B 135 0.79 -10.68 4.03
C VAL B 135 0.40 -11.66 5.12
N SER B 136 -0.39 -11.16 6.07
CA SER B 136 -0.84 -11.98 7.19
C SER B 136 -2.29 -11.62 7.36
N VAL B 137 -3.17 -12.62 7.27
CA VAL B 137 -4.61 -12.41 7.28
C VAL B 137 -5.12 -12.96 8.60
N VAL B 138 -5.71 -12.07 9.39
CA VAL B 138 -6.08 -12.41 10.77
C VAL B 138 -7.60 -12.40 10.85
N ILE B 139 -8.21 -13.60 10.87
CA ILE B 139 -9.69 -13.71 10.81
C ILE B 139 -10.22 -13.97 12.22
N SER B 140 -11.06 -13.07 12.71
CA SER B 140 -11.63 -13.16 14.07
C SER B 140 -10.55 -13.47 15.12
N GLY B 141 -9.43 -12.74 15.04
CA GLY B 141 -8.30 -12.98 15.92
C GLY B 141 -8.41 -12.21 17.22
N TYR B 142 -7.46 -12.46 18.11
CA TYR B 142 -7.44 -11.82 19.42
C TYR B 142 -6.06 -12.08 20.02
N SER B 143 -5.75 -11.31 21.04
CA SER B 143 -4.53 -11.49 21.82
C SER B 143 -4.92 -11.93 23.23
N PHE B 144 -3.91 -12.35 23.98
CA PHE B 144 -4.13 -13.04 25.24
C PHE B 144 -4.14 -12.01 26.37
N THR B 145 -5.25 -11.29 26.45
CA THR B 145 -5.42 -10.18 27.36
C THR B 145 -5.96 -10.64 28.73
N GLU B 146 -5.90 -9.73 29.70
CA GLU B 146 -6.41 -9.97 31.05
C GLU B 146 -6.76 -8.59 31.62
N PRO B 147 -7.51 -8.56 32.73
CA PRO B 147 -7.81 -7.27 33.35
C PRO B 147 -6.53 -6.55 33.80
N ASP B 148 -6.47 -5.23 33.59
CA ASP B 148 -5.29 -4.43 33.91
C ASP B 148 -5.55 -3.83 35.29
N PRO B 149 -4.85 -4.34 36.35
CA PRO B 149 -5.30 -3.97 37.70
C PRO B 149 -5.36 -2.46 37.94
N GLU B 150 -4.40 -1.71 37.40
CA GLU B 150 -4.32 -0.26 37.64
C GLU B 150 -5.20 0.55 36.71
N HIS B 151 -5.84 -0.15 35.78
CA HIS B 151 -6.75 0.48 34.81
C HIS B 151 -8.07 -0.28 34.74
N PRO B 152 -8.89 -0.15 35.80
CA PRO B 152 -10.16 -0.86 35.87
C PRO B 152 -11.00 -0.65 34.62
N GLY B 153 -11.57 -1.74 34.11
CA GLY B 153 -12.34 -1.68 32.87
C GLY B 153 -11.54 -1.85 31.60
N GLU B 154 -10.20 -1.81 31.70
CA GLU B 154 -9.29 -1.95 30.56
C GLU B 154 -8.49 -3.24 30.68
N LEU B 155 -7.96 -3.68 29.53
CA LEU B 155 -7.22 -4.94 29.46
C LEU B 155 -5.80 -4.70 29.08
N ARG B 156 -4.93 -5.64 29.47
CA ARG B 156 -3.55 -5.65 29.03
C ARG B 156 -3.19 -7.06 28.56
N ILE B 157 -2.13 -7.16 27.77
CA ILE B 157 -1.63 -8.49 27.37
C ILE B 157 -0.96 -9.12 28.60
N THR B 158 -1.35 -10.36 28.91
CA THR B 158 -0.73 -11.04 30.08
C THR B 158 0.79 -11.13 29.90
N GLU B 159 1.55 -11.03 30.99
CA GLU B 159 3.00 -10.91 30.92
C GLU B 159 3.68 -12.04 30.12
N LYS B 160 3.18 -13.27 30.29
CA LYS B 160 3.75 -14.42 29.55
C LYS B 160 3.85 -14.18 28.05
N PHE B 161 2.86 -13.44 27.52
CA PHE B 161 2.73 -13.28 26.08
C PHE B 161 3.01 -11.88 25.55
N ARG B 162 3.60 -11.03 26.40
CA ARG B 162 3.95 -9.67 25.99
C ARG B 162 4.94 -9.68 24.84
N ASP B 163 5.98 -10.49 24.96
CA ASP B 163 6.96 -10.59 23.88
C ASP B 163 6.31 -11.14 22.62
N SER B 164 5.47 -12.17 22.79
CA SER B 164 4.82 -12.85 21.66
C SER B 164 4.06 -11.88 20.77
N PHE B 165 3.36 -10.93 21.40
CA PHE B 165 2.51 -9.97 20.68
C PHE B 165 3.17 -8.64 20.38
N ALA B 166 4.44 -8.51 20.74
CA ALA B 166 5.20 -7.29 20.42
C ALA B 166 5.51 -7.26 18.93
N VAL B 167 5.27 -6.11 18.30
CA VAL B 167 5.42 -5.97 16.85
C VAL B 167 6.53 -4.95 16.61
N LYS B 168 7.53 -5.35 15.83
CA LYS B 168 8.68 -4.48 15.48
C LYS B 168 8.25 -3.49 14.39
N PRO B 169 8.65 -2.21 14.51
CA PRO B 169 8.30 -1.21 13.49
C PRO B 169 8.87 -1.52 12.10
N ASP B 170 9.95 -2.29 12.05
CA ASP B 170 10.56 -2.61 10.77
C ASP B 170 9.83 -3.73 10.03
N MET B 171 8.84 -4.33 10.69
CA MET B 171 7.99 -5.30 10.01
C MET B 171 6.94 -4.60 9.16
N LYS B 172 7.00 -4.85 7.85
CA LYS B 172 6.13 -4.18 6.90
C LYS B 172 5.20 -5.18 6.18
N THR B 173 5.04 -6.37 6.76
CA THR B 173 3.99 -7.31 6.35
C THR B 173 2.64 -6.58 6.28
N LYS B 174 1.87 -6.78 5.22
CA LYS B 174 0.50 -6.25 5.14
C LYS B 174 -0.41 -7.10 6.05
N MET B 175 -1.00 -6.44 7.03
CA MET B 175 -1.85 -7.12 8.00
C MET B 175 -3.30 -6.91 7.58
N ILE B 176 -4.04 -8.00 7.38
CA ILE B 176 -5.45 -7.84 6.99
C ILE B 176 -6.32 -8.47 8.07
N PHE B 177 -7.00 -7.62 8.81
CA PHE B 177 -7.90 -8.06 9.90
C PHE B 177 -9.32 -8.18 9.39
N ILE B 178 -9.98 -9.29 9.76
CA ILE B 178 -11.36 -9.55 9.35
C ILE B 178 -12.12 -9.91 10.61
N TYR B 179 -13.33 -9.36 10.77
CA TYR B 179 -14.14 -9.71 11.93
C TYR B 179 -15.62 -9.47 11.61
N GLY B 180 -16.48 -10.19 12.33
CA GLY B 180 -17.92 -10.13 12.14
C GLY B 180 -18.59 -9.25 13.17
N ALA B 181 -19.46 -8.37 12.70
CA ALA B 181 -20.19 -7.46 13.58
C ALA B 181 -21.10 -8.21 14.56
N SER B 182 -21.50 -9.42 14.19
CA SER B 182 -22.42 -10.23 15.02
C SER B 182 -21.70 -11.27 15.87
N ASP B 183 -20.37 -11.29 15.80
CA ASP B 183 -19.60 -12.33 16.46
C ASP B 183 -19.63 -12.19 17.99
N GLN B 184 -20.25 -13.15 18.67
CA GLN B 184 -20.29 -13.17 20.13
C GLN B 184 -19.20 -14.08 20.74
N ALA B 185 -18.63 -14.98 19.93
CA ALA B 185 -17.60 -15.90 20.42
C ALA B 185 -16.31 -15.14 20.63
N VAL B 186 -15.95 -14.34 19.62
CA VAL B 186 -14.82 -13.41 19.71
C VAL B 186 -15.35 -12.03 19.33
N PRO B 187 -15.87 -11.27 20.32
CA PRO B 187 -16.38 -9.94 20.01
C PRO B 187 -15.30 -9.11 19.29
N SER B 188 -15.71 -8.31 18.31
CA SER B 188 -14.76 -7.54 17.48
C SER B 188 -13.82 -6.62 18.25
N VAL B 189 -14.23 -6.12 19.43
CA VAL B 189 -13.35 -5.33 20.30
C VAL B 189 -11.98 -6.04 20.49
N ARG B 190 -12.02 -7.36 20.63
CA ARG B 190 -10.78 -8.14 20.76
C ARG B 190 -9.92 -8.11 19.50
N SER B 191 -10.55 -8.22 18.33
CA SER B 191 -9.83 -8.18 17.04
C SER B 191 -9.28 -6.78 16.79
N LYS B 192 -10.06 -5.76 17.14
CA LYS B 192 -9.60 -4.37 17.00
C LYS B 192 -8.44 -4.07 17.93
N TYR B 193 -8.45 -4.65 19.14
CA TYR B 193 -7.35 -4.45 20.09
C TYR B 193 -6.04 -4.93 19.50
N LEU B 194 -6.09 -6.09 18.85
CA LEU B 194 -4.90 -6.66 18.20
C LEU B 194 -4.47 -5.86 16.94
N TYR B 195 -5.45 -5.54 16.11
CA TYR B 195 -5.30 -4.61 14.98
C TYR B 195 -4.55 -3.32 15.39
N ASP B 196 -4.93 -2.72 16.52
CA ASP B 196 -4.31 -1.46 16.99
C ASP B 196 -2.81 -1.60 17.21
N ILE B 197 -2.38 -2.77 17.69
CA ILE B 197 -0.94 -3.01 17.95
C ILE B 197 -0.18 -2.92 16.63
N TYR B 198 -0.71 -3.58 15.60
CA TYR B 198 -0.07 -3.54 14.28
C TYR B 198 -0.11 -2.15 13.64
N LEU B 199 -1.25 -1.49 13.76
CA LEU B 199 -1.40 -0.18 13.14
C LEU B 199 -0.38 0.79 13.74
N LYS B 200 -0.25 0.77 15.07
CA LYS B 200 0.71 1.63 15.77
C LYS B 200 2.15 1.35 15.31
N ALA B 201 2.48 0.07 15.18
CA ALA B 201 3.84 -0.34 14.78
C ALA B 201 4.21 0.17 13.37
N GLN B 202 3.22 0.25 12.47
CA GLN B 202 3.41 0.80 11.13
C GLN B 202 2.99 2.28 11.00
N ASN B 203 3.11 3.00 12.12
CA ASN B 203 2.92 4.45 12.18
C ASN B 203 1.60 4.91 11.56
N GLY B 204 0.53 4.18 11.88
CA GLY B 204 -0.82 4.50 11.38
C GLY B 204 -1.10 4.31 9.91
N ASN B 205 -0.27 3.51 9.23
CA ASN B 205 -0.49 3.24 7.81
C ASN B 205 -1.63 2.27 7.55
N LYS B 206 -2.83 2.80 7.31
CA LYS B 206 -4.03 1.96 7.09
C LYS B 206 -4.06 1.23 5.75
N GLU B 207 -3.08 1.52 4.89
CA GLU B 207 -2.90 0.76 3.66
C GLU B 207 -1.99 -0.44 3.84
N LYS B 208 -1.32 -0.52 5.00
CA LYS B 208 -0.56 -1.74 5.36
C LYS B 208 -1.20 -2.52 6.51
N VAL B 209 -2.01 -1.85 7.31
CA VAL B 209 -2.76 -2.54 8.37
C VAL B 209 -4.23 -2.22 8.14
N LEU B 210 -4.96 -3.21 7.61
CA LEU B 210 -6.34 -3.07 7.14
C LEU B 210 -7.34 -3.81 8.03
N ALA B 211 -8.57 -3.29 8.07
CA ALA B 211 -9.67 -3.92 8.81
C ALA B 211 -10.89 -4.04 7.89
N TYR B 212 -11.44 -5.24 7.83
CA TYR B 212 -12.68 -5.49 7.10
C TYR B 212 -13.71 -6.09 8.04
N GLU B 213 -14.82 -5.38 8.21
CA GLU B 213 -15.90 -5.89 9.04
C GLU B 213 -16.99 -6.43 8.13
N HIS B 214 -17.46 -7.65 8.40
CA HIS B 214 -18.63 -8.18 7.70
C HIS B 214 -19.81 -8.24 8.67
N PRO B 215 -21.06 -8.33 8.15
CA PRO B 215 -22.22 -8.26 9.04
C PRO B 215 -22.49 -9.53 9.83
N GLY B 216 -21.80 -10.62 9.48
CA GLY B 216 -22.06 -11.92 10.09
C GLY B 216 -21.38 -12.14 11.44
N GLY B 217 -21.38 -13.39 11.86
CA GLY B 217 -20.88 -13.77 13.16
C GLY B 217 -19.49 -14.39 13.09
N HIS B 218 -19.29 -15.42 13.89
CA HIS B 218 -17.99 -16.11 13.99
C HIS B 218 -17.85 -17.08 12.83
N MET B 219 -17.38 -16.54 11.70
CA MET B 219 -17.36 -17.32 10.45
C MET B 219 -16.38 -16.67 9.51
N VAL B 220 -15.91 -17.44 8.54
CA VAL B 220 -15.11 -16.88 7.47
C VAL B 220 -16.12 -16.22 6.53
N PRO B 221 -15.92 -14.94 6.17
CA PRO B 221 -16.91 -14.33 5.27
C PRO B 221 -16.81 -14.90 3.86
N ASN B 222 -17.92 -14.88 3.14
CA ASN B 222 -17.97 -15.40 1.76
C ASN B 222 -18.65 -14.42 0.80
N LYS B 223 -19.33 -13.43 1.36
CA LYS B 223 -20.07 -12.44 0.58
C LYS B 223 -19.12 -11.73 -0.39
N LYS B 224 -19.51 -11.69 -1.66
CA LYS B 224 -18.69 -11.14 -2.74
C LYS B 224 -18.04 -9.77 -2.50
N ASP B 225 -18.81 -8.81 -2.01
CA ASP B 225 -18.27 -7.44 -1.85
C ASP B 225 -17.39 -7.30 -0.62
N ILE B 226 -17.31 -8.34 0.19
CA ILE B 226 -16.37 -8.41 1.31
C ILE B 226 -15.11 -9.15 0.86
N ILE B 227 -15.26 -10.34 0.28
CA ILE B 227 -14.08 -11.16 0.00
C ILE B 227 -13.28 -10.72 -1.23
N ARG B 228 -13.94 -10.11 -2.21
CA ARG B 228 -13.21 -9.62 -3.39
C ARG B 228 -12.17 -8.55 -3.04
N PRO B 229 -12.57 -7.47 -2.33
CA PRO B 229 -11.49 -6.52 -1.97
C PRO B 229 -10.37 -7.13 -1.11
N ILE B 230 -10.73 -8.04 -0.22
CA ILE B 230 -9.73 -8.68 0.64
C ILE B 230 -8.73 -9.45 -0.20
N VAL B 231 -9.23 -10.25 -1.14
CA VAL B 231 -8.36 -11.04 -1.98
C VAL B 231 -7.53 -10.13 -2.90
N GLU B 232 -8.10 -9.01 -3.33
CA GLU B 232 -7.31 -8.05 -4.10
C GLU B 232 -6.09 -7.53 -3.32
N GLN B 233 -6.28 -7.23 -2.03
CA GLN B 233 -5.15 -6.85 -1.17
C GLN B 233 -4.10 -7.96 -1.01
N ILE B 234 -4.56 -9.19 -0.83
CA ILE B 234 -3.66 -10.34 -0.71
C ILE B 234 -2.85 -10.48 -1.99
N THR B 235 -3.53 -10.48 -3.13
CA THR B 235 -2.83 -10.72 -4.39
C THR B 235 -1.87 -9.59 -4.71
N SER B 236 -2.24 -8.34 -4.39
CA SER B 236 -1.31 -7.20 -4.52
C SER B 236 -0.01 -7.42 -3.76
N SER B 237 -0.13 -7.86 -2.51
CA SER B 237 1.05 -8.09 -1.67
C SER B 237 1.92 -9.22 -2.24
N LEU B 238 1.26 -10.23 -2.78
CA LEU B 238 1.95 -11.43 -3.25
C LEU B 238 2.65 -11.22 -4.58
N GLN B 239 2.29 -10.12 -5.26
CA GLN B 239 2.90 -9.76 -6.52
C GLN B 239 4.19 -8.98 -6.29
N GLU B 240 4.42 -8.60 -5.04
CA GLU B 240 5.66 -7.91 -4.65
C GLU B 240 6.87 -8.84 -4.69
N ALA B 241 8.05 -8.27 -4.90
CA ALA B 241 9.28 -9.06 -5.08
C ALA B 241 9.65 -9.88 -3.85
#